data_2GUH
#
_entry.id   2GUH
#
_cell.length_a   42.259
_cell.length_b   72.130
_cell.length_c   133.875
_cell.angle_alpha   90.00
_cell.angle_beta   90.00
_cell.angle_gamma   90.00
#
_symmetry.space_group_name_H-M   'P 21 21 21'
#
loop_
_entity.id
_entity.type
_entity.pdbx_description
1 polymer 'Putative TetR-family transcriptional regulator'
2 non-polymer 'MAGNESIUM ION'
3 non-polymer 1,2-ETHANEDIOL
4 water water
#
_entity_poly.entity_id   1
_entity_poly.type   'polypeptide(L)'
_entity_poly.pdbx_seq_one_letter_code
;(MSE)GSSHHHHHHSSGRENLYFQGHVTSDPGTAAPVKRTAEQSRSLIVDAAGRAFATRPYREITLKDIAEDAGVSAPLI
IKYFGSKEQLFDALVDFRAAAEIVFSGPLDGLGER(MSE)VS(MSE)FARPLEPYKPLSLNILF(MSE)SGPSEESSRKL
RANYSAQ(MSE)IDALAERLPGRDARLRAELV(MSE)S(MSE)LTGLAV(MSE)RRK(MSE)(MSE)QEHATGTPEEVVA
HYAPLVQELLDGGS
;
_entity_poly.pdbx_strand_id   A,B
#
# COMPACT_ATOMS: atom_id res chain seq x y z
N ARG A 35 -8.36 -9.14 31.96
CA ARG A 35 -7.70 -8.72 33.23
C ARG A 35 -8.19 -7.35 33.70
N THR A 36 -7.30 -6.36 33.67
CA THR A 36 -7.66 -4.98 33.98
C THR A 36 -8.48 -4.33 32.85
N ALA A 37 -9.02 -3.14 33.12
CA ALA A 37 -9.65 -2.31 32.08
C ALA A 37 -8.65 -1.99 30.97
N GLU A 38 -7.43 -1.65 31.37
N GLU A 38 -7.41 -1.75 31.37
CA GLU A 38 -6.35 -1.30 30.44
CA GLU A 38 -6.30 -1.50 30.44
C GLU A 38 -6.05 -2.45 29.49
C GLU A 38 -6.03 -2.73 29.55
N GLN A 39 -6.05 -3.67 30.02
N GLN A 39 -6.06 -3.92 30.15
CA GLN A 39 -5.81 -4.89 29.23
CA GLN A 39 -5.88 -5.14 29.39
C GLN A 39 -7.01 -5.35 28.36
C GLN A 39 -7.00 -5.29 28.36
N SER A 40 -8.24 -5.11 28.82
CA SER A 40 -9.42 -5.29 27.96
C SER A 40 -9.39 -4.32 26.78
N ARG A 41 -9.04 -3.07 27.06
N ARG A 41 -9.05 -3.06 27.05
CA ARG A 41 -8.95 -2.06 26.02
CA ARG A 41 -8.94 -2.06 25.99
C ARG A 41 -7.89 -2.46 24.97
C ARG A 41 -7.90 -2.48 24.96
N SER A 42 -6.77 -2.98 25.45
CA SER A 42 -5.68 -3.43 24.55
C SER A 42 -6.15 -4.53 23.60
N LEU A 43 -6.91 -5.49 24.12
CA LEU A 43 -7.43 -6.59 23.32
C LEU A 43 -8.43 -6.08 22.26
N ILE A 44 -9.30 -5.17 22.68
CA ILE A 44 -10.28 -4.54 21.77
C ILE A 44 -9.58 -3.78 20.64
N VAL A 45 -8.58 -2.97 20.98
CA VAL A 45 -7.88 -2.14 20.01
C VAL A 45 -7.15 -3.06 19.02
N ASP A 46 -6.52 -4.12 19.53
N ASP A 46 -6.52 -4.11 19.53
CA ASP A 46 -5.84 -5.11 18.68
CA ASP A 46 -5.84 -5.05 18.65
C ASP A 46 -6.81 -5.77 17.68
C ASP A 46 -6.85 -5.67 17.66
N ALA A 47 -7.96 -6.20 18.18
CA ALA A 47 -8.94 -6.86 17.35
C ALA A 47 -9.61 -5.87 16.38
N ALA A 48 -9.87 -4.65 16.85
CA ALA A 48 -10.53 -3.65 16.01
C ALA A 48 -9.64 -3.21 14.88
N GLY A 49 -8.36 -2.95 15.18
CA GLY A 49 -7.41 -2.61 14.13
C GLY A 49 -7.35 -3.69 13.08
N ARG A 50 -7.25 -4.95 13.50
N ARG A 50 -7.27 -4.95 13.53
CA ARG A 50 -7.20 -6.04 12.54
CA ARG A 50 -7.23 -6.12 12.65
C ARG A 50 -8.47 -6.04 11.67
C ARG A 50 -8.45 -6.22 11.75
N ALA A 51 -9.64 -5.97 12.31
CA ALA A 51 -10.86 -5.99 11.53
C ALA A 51 -10.94 -4.88 10.49
N PHE A 52 -10.74 -3.64 10.92
CA PHE A 52 -10.84 -2.51 10.00
C PHE A 52 -9.78 -2.52 8.92
N ALA A 53 -8.64 -3.15 9.20
CA ALA A 53 -7.56 -3.22 8.23
C ALA A 53 -7.69 -4.42 7.28
N THR A 54 -8.69 -5.27 7.48
CA THR A 54 -8.78 -6.51 6.68
C THR A 54 -10.13 -6.79 6.00
N ARG A 55 -11.17 -6.07 6.43
N ARG A 55 -11.16 -6.06 6.38
CA ARG A 55 -12.51 -6.21 5.82
CA ARG A 55 -12.41 -6.19 5.62
C ARG A 55 -13.16 -4.84 5.60
C ARG A 55 -13.16 -4.88 5.58
N PRO A 56 -14.08 -4.75 4.61
CA PRO A 56 -14.82 -3.50 4.40
C PRO A 56 -15.52 -3.03 5.66
N TYR A 57 -15.49 -1.72 5.87
CA TYR A 57 -16.14 -1.08 7.01
C TYR A 57 -17.55 -1.61 7.29
N ARG A 58 -18.33 -1.79 6.23
N ARG A 58 -18.34 -1.77 6.23
CA ARG A 58 -19.73 -2.25 6.36
CA ARG A 58 -19.73 -2.26 6.35
C ARG A 58 -19.89 -3.71 6.82
C ARG A 58 -19.86 -3.70 6.87
N GLU A 59 -18.87 -4.54 6.60
CA GLU A 59 -18.89 -5.96 6.99
C GLU A 59 -18.35 -6.21 8.40
N ILE A 60 -18.24 -5.15 9.20
CA ILE A 60 -17.68 -5.26 10.54
C ILE A 60 -18.71 -4.93 11.59
N THR A 61 -18.87 -5.83 12.56
CA THR A 61 -19.73 -5.60 13.71
C THR A 61 -18.92 -5.59 15.01
N LEU A 62 -19.42 -4.86 15.99
CA LEU A 62 -18.84 -4.91 17.34
C LEU A 62 -18.87 -6.31 17.92
N LYS A 63 -19.94 -7.06 17.62
CA LYS A 63 -19.99 -8.45 18.07
C LYS A 63 -18.79 -9.25 17.57
N ASP A 64 -18.48 -9.12 16.30
CA ASP A 64 -17.35 -9.85 15.74
C ASP A 64 -16.00 -9.38 16.31
N ILE A 65 -15.82 -8.07 16.45
CA ILE A 65 -14.61 -7.55 17.13
C ILE A 65 -14.50 -8.10 18.56
N ALA A 66 -15.61 -8.09 19.30
CA ALA A 66 -15.64 -8.61 20.67
C ALA A 66 -15.26 -10.10 20.69
N GLU A 67 -15.78 -10.86 19.74
CA GLU A 67 -15.52 -12.29 19.66
C GLU A 67 -14.02 -12.53 19.45
N ASP A 68 -13.44 -11.80 18.50
CA ASP A 68 -12.00 -11.89 18.26
C ASP A 68 -11.15 -11.43 19.46
N ALA A 69 -11.60 -10.39 20.16
CA ALA A 69 -10.86 -9.84 21.31
C ALA A 69 -10.98 -10.72 22.56
N GLY A 70 -12.06 -11.49 22.61
CA GLY A 70 -12.36 -12.32 23.78
C GLY A 70 -13.00 -11.53 24.88
N VAL A 71 -13.67 -10.44 24.51
CA VAL A 71 -14.40 -9.61 25.46
C VAL A 71 -15.87 -9.60 25.03
N SER A 72 -16.70 -8.85 25.72
CA SER A 72 -18.08 -8.72 25.29
C SER A 72 -18.30 -7.41 24.56
N ALA A 73 -19.29 -7.38 23.67
CA ALA A 73 -19.58 -6.15 22.95
C ALA A 73 -19.96 -4.98 23.86
N PRO A 74 -20.77 -5.22 24.92
CA PRO A 74 -20.99 -4.09 25.83
C PRO A 74 -19.73 -3.46 26.41
N LEU A 75 -18.67 -4.25 26.55
CA LEU A 75 -17.42 -3.71 27.02
C LEU A 75 -16.82 -2.74 25.99
N ILE A 76 -16.90 -3.09 24.71
CA ILE A 76 -16.43 -2.17 23.66
C ILE A 76 -17.21 -0.85 23.75
N ILE A 77 -18.52 -0.92 23.98
CA ILE A 77 -19.32 0.30 24.11
C ILE A 77 -18.92 1.15 25.32
N LYS A 78 -18.64 0.49 26.45
CA LYS A 78 -18.16 1.15 27.66
C LYS A 78 -16.91 1.99 27.38
N TYR A 79 -15.97 1.38 26.65
CA TYR A 79 -14.67 2.01 26.44
C TYR A 79 -14.62 2.94 25.25
N PHE A 80 -15.45 2.69 24.25
CA PHE A 80 -15.39 3.44 22.99
C PHE A 80 -16.68 4.11 22.52
N GLY A 81 -17.82 3.70 23.06
CA GLY A 81 -19.08 4.37 22.75
C GLY A 81 -19.88 3.82 21.60
N SER A 82 -19.24 3.56 20.47
CA SER A 82 -19.91 3.11 19.25
C SER A 82 -18.89 2.61 18.25
N LYS A 83 -19.34 1.92 17.21
CA LYS A 83 -18.48 1.47 16.11
C LYS A 83 -17.76 2.66 15.44
N GLU A 84 -18.48 3.75 15.16
N GLU A 84 -18.49 3.73 15.22
CA GLU A 84 -17.88 4.94 14.54
CA GLU A 84 -17.96 4.94 14.59
C GLU A 84 -16.77 5.53 15.41
C GLU A 84 -16.87 5.58 15.46
N GLN A 85 -17.02 5.61 16.70
N GLN A 85 -17.11 5.65 16.76
CA GLN A 85 -16.04 6.20 17.62
CA GLN A 85 -16.10 6.21 17.66
C GLN A 85 -14.82 5.31 17.83
C GLN A 85 -14.84 5.32 17.75
N LEU A 86 -15.03 4.00 17.76
CA LEU A 86 -13.92 3.05 17.77
C LEU A 86 -13.08 3.27 16.52
N PHE A 87 -13.74 3.36 15.36
CA PHE A 87 -13.03 3.64 14.11
C PHE A 87 -12.22 4.94 14.23
N ASP A 88 -12.86 5.99 14.76
CA ASP A 88 -12.16 7.28 14.91
C ASP A 88 -10.89 7.17 15.78
N ALA A 89 -10.95 6.37 16.84
CA ALA A 89 -9.77 6.09 17.66
C ALA A 89 -8.66 5.41 16.85
N LEU A 90 -9.04 4.47 16.01
N LEU A 90 -9.06 4.49 15.98
CA LEU A 90 -8.03 3.75 15.25
CA LEU A 90 -8.11 3.70 15.20
C LEU A 90 -7.33 4.65 14.25
C LEU A 90 -7.49 4.46 14.03
N VAL A 91 -8.07 5.61 13.69
CA VAL A 91 -7.50 6.49 12.64
C VAL A 91 -7.01 7.82 13.20
N ASP A 92 -6.82 7.86 14.52
CA ASP A 92 -6.12 8.96 15.20
C ASP A 92 -4.66 8.56 15.22
N PHE A 93 -3.90 9.19 14.33
CA PHE A 93 -2.49 8.86 14.14
C PHE A 93 -1.51 9.62 15.03
N ARG A 94 -2.00 10.34 16.03
CA ARG A 94 -1.08 11.11 16.86
C ARG A 94 -0.11 10.22 17.62
N ALA A 95 -0.59 9.08 18.15
CA ALA A 95 0.33 8.19 18.87
C ALA A 95 1.36 7.59 17.92
N ALA A 96 0.90 7.17 16.73
CA ALA A 96 1.82 6.65 15.72
C ALA A 96 2.90 7.69 15.40
N ALA A 97 2.50 8.96 15.28
CA ALA A 97 3.49 9.98 14.95
C ALA A 97 4.49 10.18 16.08
N GLU A 98 4.02 10.06 17.33
N GLU A 98 4.02 10.03 17.32
CA GLU A 98 4.94 10.18 18.48
CA GLU A 98 4.88 10.16 18.51
C GLU A 98 6.00 9.10 18.43
C GLU A 98 5.93 9.08 18.56
N ILE A 99 5.57 7.89 18.08
CA ILE A 99 6.48 6.75 17.98
C ILE A 99 7.43 6.94 16.81
N VAL A 100 6.88 7.15 15.62
CA VAL A 100 7.74 7.11 14.42
C VAL A 100 8.69 8.28 14.31
N PHE A 101 8.29 9.45 14.81
CA PHE A 101 9.12 10.66 14.67
C PHE A 101 9.84 11.09 15.94
N SER A 102 9.84 10.23 16.94
CA SER A 102 10.51 10.52 18.20
C SER A 102 12.01 10.73 18.02
N GLY A 103 12.56 11.60 18.87
CA GLY A 103 13.98 11.82 18.93
C GLY A 103 14.53 12.81 17.93
N PRO A 104 15.84 13.01 17.97
CA PRO A 104 16.48 13.95 17.07
C PRO A 104 16.41 13.48 15.62
N LEU A 105 16.47 14.44 14.68
CA LEU A 105 16.53 14.09 13.27
C LEU A 105 17.78 13.26 12.94
N ASP A 106 18.87 13.50 13.66
CA ASP A 106 20.09 12.70 13.53
C ASP A 106 19.78 11.22 13.87
N GLY A 107 19.96 10.34 12.89
CA GLY A 107 19.70 8.92 13.09
C GLY A 107 18.25 8.53 12.95
N LEU A 108 17.37 9.48 12.69
CA LEU A 108 15.97 9.14 12.62
C LEU A 108 15.65 8.22 11.44
N GLY A 109 16.37 8.38 10.33
CA GLY A 109 16.14 7.50 9.19
C GLY A 109 16.30 6.04 9.55
N GLU A 110 17.39 5.73 10.24
CA GLU A 110 17.67 4.37 10.65
C GLU A 110 16.61 3.86 11.65
N ARG A 111 16.20 4.73 12.56
CA ARG A 111 15.21 4.31 13.53
C ARG A 111 13.90 4.00 12.84
N VAL A 113 13.40 3.14 9.59
CA VAL A 113 13.49 1.95 8.73
C VAL A 113 13.49 0.69 9.58
N SER A 114 14.08 0.80 10.77
N SER A 114 14.24 0.70 10.69
CA SER A 114 14.06 -0.32 11.70
CA SER A 114 14.31 -0.51 11.52
C SER A 114 12.65 -0.73 12.10
C SER A 114 12.88 -0.96 11.87
N PHE A 116 9.82 -0.10 10.30
CA PHE A 116 9.02 -0.52 9.14
C PHE A 116 9.58 -1.76 8.48
N ALA A 117 10.83 -2.13 8.81
CA ALA A 117 11.45 -3.38 8.31
C ALA A 117 11.07 -4.59 9.15
N ARG A 118 10.46 -4.41 10.32
CA ARG A 118 10.07 -5.58 11.11
C ARG A 118 9.02 -6.38 10.38
N PRO A 119 9.11 -7.73 10.44
CA PRO A 119 8.17 -8.61 9.73
C PRO A 119 6.84 -8.74 10.47
N LEU A 120 6.03 -7.68 10.44
CA LEU A 120 4.75 -7.65 11.16
C LEU A 120 3.63 -8.19 10.26
N GLU A 121 2.42 -8.13 10.75
CA GLU A 121 1.29 -8.72 10.03
C GLU A 121 1.06 -8.03 8.70
N PRO A 122 0.51 -8.75 7.71
CA PRO A 122 0.30 -8.18 6.39
C PRO A 122 -0.72 -7.03 6.34
N TYR A 123 -1.44 -6.79 7.44
CA TYR A 123 -2.40 -5.69 7.50
C TYR A 123 -1.85 -4.48 8.22
N LYS A 124 -0.55 -4.48 8.56
CA LYS A 124 0.08 -3.30 9.15
C LYS A 124 1.06 -2.72 8.13
N PRO A 125 1.16 -1.38 8.05
CA PRO A 125 0.56 -0.36 8.89
C PRO A 125 -0.94 -0.22 8.72
N LEU A 126 -1.61 0.04 9.83
CA LEU A 126 -3.05 0.22 9.83
C LEU A 126 -3.47 1.40 8.98
N SER A 127 -2.68 2.47 8.96
CA SER A 127 -3.07 3.66 8.20
C SER A 127 -3.47 3.31 6.78
N LEU A 128 -2.55 2.67 6.05
N LEU A 128 -2.55 2.64 6.07
CA LEU A 128 -2.79 2.31 4.65
CA LEU A 128 -2.78 2.30 4.67
C LEU A 128 -3.81 1.19 4.53
C LEU A 128 -3.78 1.18 4.52
N ASN A 129 -3.71 0.17 5.39
CA ASN A 129 -4.59 -0.97 5.25
C ASN A 129 -6.03 -0.63 5.52
N ILE A 130 -6.28 0.20 6.54
CA ILE A 130 -7.65 0.65 6.79
C ILE A 130 -8.15 1.53 5.62
N LEU A 131 -7.23 2.33 5.06
CA LEU A 131 -7.59 3.15 3.90
C LEU A 131 -8.00 2.25 2.74
N PHE A 132 -7.25 1.16 2.50
CA PHE A 132 -7.58 0.26 1.39
C PHE A 132 -8.97 -0.35 1.54
N SER A 134 -11.63 1.14 2.77
N SER A 134 -11.68 1.15 2.75
CA SER A 134 -12.63 2.19 2.82
CA SER A 134 -12.76 2.16 2.83
C SER A 134 -13.33 2.35 1.48
C SER A 134 -13.34 2.69 1.53
N GLY A 135 -12.56 2.70 0.46
CA GLY A 135 -13.11 3.06 -0.86
C GLY A 135 -13.70 4.47 -1.04
N PRO A 136 -14.55 4.65 -2.08
CA PRO A 136 -14.81 5.86 -2.86
C PRO A 136 -15.06 7.15 -2.05
N SER A 137 -14.01 7.64 -1.38
CA SER A 137 -14.10 8.88 -0.60
C SER A 137 -15.39 8.92 0.24
N GLU A 138 -15.64 7.80 0.91
CA GLU A 138 -16.61 7.68 1.98
C GLU A 138 -16.18 8.59 3.13
N GLU A 139 -17.04 8.77 4.13
CA GLU A 139 -16.69 9.62 5.27
C GLU A 139 -15.52 9.02 6.05
N SER A 140 -15.55 7.71 6.24
N SER A 140 -15.53 7.70 6.21
CA SER A 140 -14.46 6.97 6.86
CA SER A 140 -14.44 6.99 6.88
C SER A 140 -13.12 7.35 6.19
C SER A 140 -13.08 7.20 6.18
N SER A 141 -13.09 7.24 4.86
CA SER A 141 -11.86 7.56 4.08
C SER A 141 -11.42 9.04 4.20
N ARG A 142 -12.37 9.97 4.08
N ARG A 142 -12.37 9.97 4.07
CA ARG A 142 -12.07 11.40 4.19
CA ARG A 142 -12.04 11.39 4.21
C ARG A 142 -11.42 11.75 5.55
C ARG A 142 -11.43 11.71 5.58
N LYS A 143 -11.98 11.22 6.63
N LYS A 143 -12.04 11.20 6.65
CA LYS A 143 -11.46 11.49 7.98
CA LYS A 143 -11.50 11.42 7.99
C LYS A 143 -10.08 10.84 8.16
C LYS A 143 -10.09 10.90 8.05
N LEU A 144 -9.92 9.63 7.65
CA LEU A 144 -8.62 8.98 7.72
C LEU A 144 -7.55 9.79 6.99
N ARG A 145 -7.83 10.18 5.75
N ARG A 145 -7.85 10.19 5.75
CA ARG A 145 -6.86 10.91 4.95
CA ARG A 145 -6.90 10.92 4.93
C ARG A 145 -6.55 12.27 5.56
C ARG A 145 -6.57 12.27 5.51
N ALA A 146 -7.57 12.96 6.05
CA ALA A 146 -7.33 14.29 6.64
C ALA A 146 -6.44 14.15 7.87
N ASN A 147 -6.77 13.17 8.70
CA ASN A 147 -5.93 12.90 9.86
C ASN A 147 -4.49 12.52 9.49
N TYR A 148 -4.33 11.64 8.50
CA TYR A 148 -2.98 11.28 8.09
C TYR A 148 -2.17 12.49 7.60
N SER A 149 -2.80 13.30 6.75
CA SER A 149 -2.15 14.50 6.23
C SER A 149 -1.70 15.42 7.38
N ALA A 150 -2.58 15.70 8.36
CA ALA A 150 -2.24 16.60 9.47
C ALA A 150 -1.33 15.96 10.51
N GLN A 151 -1.66 14.73 10.88
CA GLN A 151 -1.02 14.12 12.05
C GLN A 151 0.26 13.39 11.75
N ILE A 153 1.93 13.40 7.98
CA ILE A 153 2.72 14.15 7.01
C ILE A 153 3.13 15.52 7.56
N ASP A 154 2.18 16.32 8.05
CA ASP A 154 2.50 17.68 8.46
C ASP A 154 3.35 17.68 9.71
N ALA A 155 3.11 16.69 10.57
CA ALA A 155 3.89 16.60 11.80
C ALA A 155 5.37 16.32 11.53
N LEU A 156 5.63 15.43 10.57
CA LEU A 156 7.00 15.22 10.14
C LEU A 156 7.53 16.46 9.43
N ALA A 157 6.74 17.03 8.51
CA ALA A 157 7.21 18.14 7.72
C ALA A 157 7.64 19.31 8.62
N GLU A 158 6.92 19.54 9.71
CA GLU A 158 7.24 20.69 10.58
C GLU A 158 8.65 20.60 11.15
N ARG A 159 9.17 19.37 11.24
CA ARG A 159 10.47 19.13 11.86
C ARG A 159 11.62 19.36 10.89
N LEU A 160 11.34 19.33 9.59
CA LEU A 160 12.45 19.20 8.64
C LEU A 160 13.13 20.50 8.34
N PRO A 161 14.46 20.50 8.27
CA PRO A 161 15.19 21.68 7.82
C PRO A 161 15.10 21.82 6.30
N GLY A 162 15.31 23.02 5.78
CA GLY A 162 15.40 23.12 4.33
C GLY A 162 14.07 23.24 3.61
N ARG A 163 14.15 23.28 2.29
N ARG A 163 14.15 23.27 2.29
CA ARG A 163 13.01 23.58 1.43
CA ARG A 163 13.00 23.60 1.45
C ARG A 163 12.14 22.36 1.20
C ARG A 163 12.17 22.37 1.10
N ASP A 164 10.90 22.60 0.77
CA ASP A 164 9.99 21.52 0.31
C ASP A 164 9.72 20.45 1.41
N ALA A 165 9.49 20.94 2.63
CA ALA A 165 9.32 20.04 3.76
C ALA A 165 8.10 19.10 3.61
N ARG A 166 6.94 19.61 3.15
CA ARG A 166 5.76 18.76 3.01
C ARG A 166 6.03 17.66 1.98
N LEU A 167 6.57 18.03 0.83
CA LEU A 167 6.87 17.03 -0.21
C LEU A 167 7.82 15.97 0.40
N ARG A 168 8.90 16.42 1.04
CA ARG A 168 9.90 15.48 1.58
C ARG A 168 9.24 14.55 2.62
N ALA A 169 8.34 15.07 3.46
CA ALA A 169 7.63 14.19 4.41
C ALA A 169 6.76 13.16 3.70
N GLU A 170 6.08 13.56 2.63
CA GLU A 170 5.34 12.61 1.83
C GLU A 170 6.26 11.55 1.26
N LEU A 171 7.46 11.95 0.80
CA LEU A 171 8.37 10.96 0.20
C LEU A 171 8.92 10.02 1.25
N VAL A 172 9.19 10.53 2.44
CA VAL A 172 9.64 9.65 3.54
C VAL A 172 8.55 8.61 3.82
N SER A 174 6.17 7.64 1.92
CA SER A 174 6.11 6.74 0.76
C SER A 174 7.10 5.61 0.90
N LEU A 176 8.65 4.43 3.61
CA LEU A 176 8.46 3.58 4.78
C LEU A 176 7.23 2.68 4.62
N THR A 177 6.08 3.28 4.26
CA THR A 177 4.90 2.48 4.06
C THR A 177 5.07 1.54 2.87
N GLY A 178 5.75 2.01 1.83
CA GLY A 178 5.96 1.17 0.65
C GLY A 178 6.77 -0.06 1.01
N LEU A 179 7.78 0.13 1.87
CA LEU A 179 8.60 -0.99 2.33
C LEU A 179 7.80 -2.00 3.13
N ALA A 180 6.99 -1.54 4.08
CA ALA A 180 6.24 -2.48 4.91
C ALA A 180 5.17 -3.21 4.09
N VAL A 181 4.49 -2.50 3.18
CA VAL A 181 3.45 -3.17 2.38
C VAL A 181 4.13 -4.20 1.44
N ARG A 183 7.07 -5.79 1.76
CA ARG A 183 7.61 -6.93 2.47
C ARG A 183 6.54 -7.76 3.14
N ARG A 184 5.58 -7.11 3.79
CA ARG A 184 4.65 -7.89 4.62
C ARG A 184 3.49 -8.44 3.80
N LYS A 185 3.07 -7.71 2.77
CA LYS A 185 1.84 -8.07 2.10
C LYS A 185 2.13 -8.71 0.73
N GLN A 188 5.95 -11.34 1.61
CA GLN A 188 5.73 -12.30 2.73
C GLN A 188 7.00 -13.14 3.01
N GLU A 189 6.90 -14.47 2.89
N GLU A 189 6.89 -14.46 3.18
CA GLU A 189 8.04 -15.38 3.08
CA GLU A 189 8.01 -15.29 3.65
C GLU A 189 9.21 -15.14 2.12
C GLU A 189 9.28 -15.13 2.82
N HIS A 190 8.94 -14.51 0.98
N HIS A 190 9.13 -14.70 1.56
CA HIS A 190 10.01 -14.31 0.01
CA HIS A 190 10.29 -14.62 0.64
C HIS A 190 10.57 -12.91 0.01
C HIS A 190 10.85 -13.20 0.38
N ALA A 191 10.35 -12.21 1.13
CA ALA A 191 11.05 -10.91 1.32
C ALA A 191 12.51 -11.26 1.59
N THR A 192 13.40 -10.45 1.06
CA THR A 192 14.83 -10.71 1.11
C THR A 192 15.53 -9.84 2.15
N GLY A 193 16.43 -10.46 2.91
CA GLY A 193 17.28 -9.71 3.83
C GLY A 193 16.74 -9.58 5.23
N THR A 194 17.62 -9.38 6.20
CA THR A 194 17.23 -9.11 7.56
C THR A 194 16.91 -7.61 7.66
N PRO A 195 16.22 -7.21 8.76
CA PRO A 195 16.04 -5.77 8.96
C PRO A 195 17.31 -4.94 8.94
N GLU A 196 18.42 -5.46 9.47
CA GLU A 196 19.65 -4.67 9.45
C GLU A 196 20.18 -4.49 8.03
N GLU A 197 19.98 -5.53 7.19
CA GLU A 197 20.38 -5.44 5.79
C GLU A 197 19.49 -4.41 5.08
N VAL A 198 18.18 -4.41 5.37
CA VAL A 198 17.32 -3.36 4.83
C VAL A 198 17.78 -1.97 5.28
N VAL A 199 18.09 -1.80 6.57
CA VAL A 199 18.56 -0.51 7.10
C VAL A 199 19.79 -0.08 6.32
N ALA A 200 20.75 -0.99 6.12
CA ALA A 200 21.99 -0.61 5.51
C ALA A 200 21.81 0.04 4.14
N HIS A 201 20.86 -0.50 3.35
CA HIS A 201 20.61 0.05 2.03
C HIS A 201 19.61 1.20 2.02
N TYR A 202 18.61 1.14 2.89
CA TYR A 202 17.45 2.03 2.75
C TYR A 202 17.52 3.25 3.66
N ALA A 203 18.03 3.07 4.88
CA ALA A 203 18.05 4.19 5.82
C ALA A 203 18.82 5.42 5.33
N PRO A 204 19.99 5.25 4.69
CA PRO A 204 20.68 6.46 4.23
C PRO A 204 19.86 7.28 3.24
N LEU A 205 19.02 6.60 2.47
CA LEU A 205 18.15 7.25 1.52
C LEU A 205 17.07 8.05 2.24
N VAL A 206 16.43 7.41 3.24
CA VAL A 206 15.44 8.10 4.10
C VAL A 206 16.12 9.32 4.76
N GLN A 207 17.33 9.13 5.26
CA GLN A 207 18.02 10.22 5.94
C GLN A 207 18.33 11.39 5.00
N GLU A 208 18.59 11.09 3.72
CA GLU A 208 18.83 12.21 2.77
C GLU A 208 17.60 13.11 2.68
N LEU A 209 16.40 12.50 2.66
CA LEU A 209 15.17 13.30 2.58
C LEU A 209 14.97 14.07 3.85
N LEU A 210 15.28 13.47 5.00
CA LEU A 210 15.15 14.19 6.27
C LEU A 210 16.10 15.37 6.34
N ASP A 211 17.32 15.21 5.83
CA ASP A 211 18.33 16.23 6.00
C ASP A 211 18.14 17.43 5.07
N GLY A 212 17.55 17.19 3.89
CA GLY A 212 17.38 18.24 2.89
C GLY A 212 16.70 17.90 1.55
N GLY A 213 16.49 16.61 1.25
CA GLY A 213 15.84 16.11 -0.02
C GLY A 213 16.80 15.43 -1.01
N THR B 36 -12.32 -4.59 -33.93
CA THR B 36 -12.79 -5.98 -33.65
C THR B 36 -12.39 -6.40 -32.24
N ALA B 37 -11.54 -7.43 -32.13
CA ALA B 37 -11.02 -7.88 -30.84
C ALA B 37 -10.25 -6.76 -30.14
N GLU B 38 -9.38 -6.09 -30.89
CA GLU B 38 -8.51 -5.03 -30.37
C GLU B 38 -9.23 -3.99 -29.52
N GLN B 39 -10.26 -3.37 -30.08
CA GLN B 39 -10.99 -2.29 -29.40
C GLN B 39 -11.86 -2.80 -28.23
N SER B 40 -12.46 -3.97 -28.42
CA SER B 40 -13.30 -4.60 -27.40
C SER B 40 -12.47 -5.19 -26.25
N ARG B 41 -11.45 -5.97 -26.58
CA ARG B 41 -10.55 -6.59 -25.59
C ARG B 41 -9.90 -5.55 -24.69
N SER B 42 -9.48 -4.44 -25.28
CA SER B 42 -8.87 -3.34 -24.53
C SER B 42 -9.88 -2.71 -23.57
N LEU B 43 -11.14 -2.65 -24.00
CA LEU B 43 -12.22 -2.13 -23.18
C LEU B 43 -12.47 -3.07 -22.01
N ILE B 44 -12.40 -4.38 -22.30
CA ILE B 44 -12.61 -5.45 -21.30
C ILE B 44 -11.49 -5.48 -20.26
N VAL B 45 -10.24 -5.52 -20.75
CA VAL B 45 -9.05 -5.46 -19.88
C VAL B 45 -9.06 -4.22 -18.99
N ASP B 46 -9.40 -3.07 -19.57
CA ASP B 46 -9.53 -1.83 -18.84
C ASP B 46 -10.60 -1.94 -17.73
N ALA B 47 -11.81 -2.38 -18.09
CA ALA B 47 -12.86 -2.60 -17.10
C ALA B 47 -12.52 -3.65 -16.04
N ALA B 48 -11.91 -4.75 -16.45
CA ALA B 48 -11.54 -5.80 -15.50
C ALA B 48 -10.49 -5.34 -14.52
N GLY B 49 -9.48 -4.62 -15.02
CA GLY B 49 -8.46 -4.10 -14.13
C GLY B 49 -9.08 -3.21 -13.07
N ARG B 50 -9.95 -2.29 -13.51
N ARG B 50 -9.96 -2.30 -13.50
CA ARG B 50 -10.63 -1.39 -12.58
CA ARG B 50 -10.59 -1.38 -12.55
C ARG B 50 -11.40 -2.19 -11.55
C ARG B 50 -11.50 -2.10 -11.56
N ALA B 51 -12.18 -3.16 -12.01
CA ALA B 51 -13.02 -3.96 -11.13
C ALA B 51 -12.18 -4.69 -10.08
N PHE B 52 -11.17 -5.44 -10.54
CA PHE B 52 -10.35 -6.20 -9.61
C PHE B 52 -9.52 -5.33 -8.69
N ALA B 53 -9.23 -4.11 -9.12
CA ALA B 53 -8.45 -3.21 -8.29
C ALA B 53 -9.28 -2.39 -7.30
N THR B 54 -10.61 -2.44 -7.40
CA THR B 54 -11.46 -1.60 -6.54
C THR B 54 -12.54 -2.35 -5.77
N ARG B 55 -12.78 -3.61 -6.09
CA ARG B 55 -13.80 -4.37 -5.38
C ARG B 55 -13.25 -5.69 -4.94
N PRO B 56 -13.75 -6.23 -3.81
CA PRO B 56 -13.30 -7.54 -3.38
C PRO B 56 -13.50 -8.59 -4.47
N TYR B 57 -12.48 -9.40 -4.64
CA TYR B 57 -12.47 -10.45 -5.63
C TYR B 57 -13.79 -11.24 -5.62
N ARG B 58 -14.24 -11.63 -4.44
CA ARG B 58 -15.42 -12.48 -4.32
C ARG B 58 -16.74 -11.83 -4.77
N GLU B 59 -16.74 -10.50 -4.91
CA GLU B 59 -17.94 -9.76 -5.33
C GLU B 59 -18.09 -9.54 -6.83
N ILE B 60 -17.02 -9.76 -7.59
CA ILE B 60 -17.02 -9.37 -8.98
C ILE B 60 -17.61 -10.42 -9.92
N THR B 61 -18.58 -10.01 -10.76
CA THR B 61 -19.08 -10.90 -11.81
C THR B 61 -18.59 -10.45 -13.17
N LEU B 62 -18.59 -11.39 -14.13
CA LEU B 62 -18.33 -11.06 -15.52
C LEU B 62 -19.35 -10.07 -16.09
N LYS B 63 -20.60 -10.20 -15.67
CA LYS B 63 -21.65 -9.25 -16.04
C LYS B 63 -21.35 -7.81 -15.62
N ASP B 64 -20.84 -7.62 -14.39
CA ASP B 64 -20.42 -6.30 -13.92
C ASP B 64 -19.35 -5.76 -14.89
N ILE B 65 -18.34 -6.60 -15.20
CA ILE B 65 -17.20 -6.19 -16.03
C ILE B 65 -17.69 -5.83 -17.43
N ALA B 66 -18.50 -6.71 -18.00
CA ALA B 66 -19.17 -6.49 -19.29
C ALA B 66 -19.93 -5.16 -19.35
N GLU B 67 -20.76 -4.91 -18.34
CA GLU B 67 -21.53 -3.67 -18.22
C GLU B 67 -20.67 -2.40 -18.21
N ASP B 68 -19.55 -2.45 -17.50
N ASP B 68 -19.55 -2.47 -17.48
CA ASP B 68 -18.61 -1.34 -17.46
CA ASP B 68 -18.58 -1.38 -17.42
C ASP B 68 -17.85 -1.21 -18.78
C ASP B 68 -17.86 -1.22 -18.77
N ALA B 69 -17.52 -2.34 -19.39
CA ALA B 69 -16.80 -2.38 -20.67
C ALA B 69 -17.67 -2.01 -21.88
N GLY B 70 -18.98 -1.93 -21.68
CA GLY B 70 -19.92 -1.69 -22.77
C GLY B 70 -19.95 -2.85 -23.77
N VAL B 71 -19.59 -4.04 -23.30
CA VAL B 71 -19.71 -5.27 -24.07
C VAL B 71 -20.70 -6.23 -23.41
N SER B 72 -20.84 -7.42 -23.99
CA SER B 72 -21.65 -8.48 -23.39
C SER B 72 -20.75 -9.53 -22.73
N ALA B 73 -21.30 -10.21 -21.71
CA ALA B 73 -20.56 -11.24 -20.97
C ALA B 73 -20.04 -12.41 -21.83
N PRO B 74 -20.88 -12.97 -22.73
CA PRO B 74 -20.42 -14.10 -23.56
C PRO B 74 -19.12 -13.88 -24.34
N LEU B 75 -18.88 -12.66 -24.83
CA LEU B 75 -17.65 -12.40 -25.58
C LEU B 75 -16.43 -12.18 -24.68
N ILE B 76 -16.67 -11.94 -23.38
CA ILE B 76 -15.59 -12.00 -22.39
C ILE B 76 -15.21 -13.48 -22.23
N ILE B 77 -16.23 -14.34 -22.21
CA ILE B 77 -16.01 -15.78 -22.08
C ILE B 77 -15.34 -16.31 -23.34
N LYS B 78 -15.65 -15.72 -24.48
CA LYS B 78 -15.05 -16.13 -25.74
C LYS B 78 -13.56 -15.81 -25.75
N TYR B 79 -13.21 -14.58 -25.34
CA TYR B 79 -11.84 -14.10 -25.41
C TYR B 79 -10.96 -14.55 -24.23
N PHE B 80 -11.60 -14.84 -23.09
CA PHE B 80 -10.86 -15.16 -21.86
C PHE B 80 -11.24 -16.48 -21.20
N GLY B 81 -12.43 -17.00 -21.48
CA GLY B 81 -12.80 -18.33 -20.99
C GLY B 81 -13.55 -18.37 -19.68
N SER B 82 -13.09 -17.58 -18.71
CA SER B 82 -13.68 -17.56 -17.39
C SER B 82 -13.19 -16.33 -16.61
N LYS B 83 -13.85 -16.03 -15.50
CA LYS B 83 -13.41 -14.97 -14.59
C LYS B 83 -11.98 -15.25 -14.14
N GLU B 84 -11.70 -16.51 -13.81
CA GLU B 84 -10.39 -16.88 -13.29
C GLU B 84 -9.29 -16.61 -14.31
N GLN B 85 -9.53 -16.98 -15.56
N GLN B 85 -9.53 -16.99 -15.57
CA GLN B 85 -8.56 -16.76 -16.63
CA GLN B 85 -8.55 -16.76 -16.64
C GLN B 85 -8.40 -15.27 -16.98
C GLN B 85 -8.40 -15.29 -17.00
N LEU B 86 -9.49 -14.52 -16.85
CA LEU B 86 -9.43 -13.07 -17.02
C LEU B 86 -8.51 -12.51 -15.93
N PHE B 87 -8.73 -12.96 -14.69
CA PHE B 87 -7.85 -12.54 -13.57
C PHE B 87 -6.38 -12.85 -13.85
N ASP B 88 -6.11 -14.07 -14.33
CA ASP B 88 -4.74 -14.47 -14.71
C ASP B 88 -4.07 -13.53 -15.70
N ALA B 89 -4.84 -13.03 -16.68
CA ALA B 89 -4.30 -12.05 -17.63
C ALA B 89 -3.91 -10.76 -16.95
N LEU B 90 -4.73 -10.34 -15.98
N LEU B 90 -4.73 -10.33 -15.99
CA LEU B 90 -4.52 -9.07 -15.30
CA LEU B 90 -4.48 -9.07 -15.32
C LEU B 90 -3.41 -9.13 -14.26
C LEU B 90 -3.25 -9.16 -14.43
N VAL B 91 -2.98 -10.34 -13.90
CA VAL B 91 -1.84 -10.48 -12.99
C VAL B 91 -0.60 -11.10 -13.66
N ASP B 92 -0.57 -11.06 -14.98
CA ASP B 92 0.63 -11.35 -15.76
C ASP B 92 1.35 -10.00 -15.88
N PHE B 93 2.46 -9.86 -15.17
CA PHE B 93 3.17 -8.57 -15.06
C PHE B 93 4.28 -8.40 -16.10
N ARG B 94 4.34 -9.27 -17.09
CA ARG B 94 5.45 -9.21 -18.05
C ARG B 94 5.39 -7.92 -18.88
N ALA B 95 4.19 -7.52 -19.32
CA ALA B 95 4.09 -6.24 -20.07
C ALA B 95 4.45 -5.04 -19.20
N ALA B 96 3.99 -5.05 -17.94
CA ALA B 96 4.34 -3.97 -17.02
C ALA B 96 5.85 -3.87 -16.86
N ALA B 97 6.52 -5.03 -16.74
CA ALA B 97 7.97 -4.99 -16.56
C ALA B 97 8.67 -4.47 -17.79
N GLU B 98 8.12 -4.77 -18.97
N GLU B 98 8.14 -4.78 -18.98
CA GLU B 98 8.67 -4.27 -20.23
CA GLU B 98 8.70 -4.25 -20.22
C GLU B 98 8.57 -2.74 -20.35
C GLU B 98 8.67 -2.71 -20.20
N ILE B 99 7.54 -2.18 -19.74
CA ILE B 99 7.37 -0.71 -19.71
C ILE B 99 8.28 -0.12 -18.63
N VAL B 100 8.20 -0.63 -17.40
CA VAL B 100 8.86 0.06 -16.27
C VAL B 100 10.37 -0.06 -16.35
N PHE B 101 10.89 -1.19 -16.81
CA PHE B 101 12.35 -1.37 -16.82
C PHE B 101 12.98 -1.18 -18.19
N SER B 102 12.24 -0.56 -19.12
CA SER B 102 12.79 -0.32 -20.45
C SER B 102 14.03 0.55 -20.45
N GLY B 103 14.97 0.27 -21.38
CA GLY B 103 16.15 1.10 -21.53
C GLY B 103 17.29 0.78 -20.59
N PRO B 104 18.39 1.54 -20.68
CA PRO B 104 19.59 1.35 -19.87
C PRO B 104 19.37 1.63 -18.39
N LEU B 105 20.19 1.04 -17.55
CA LEU B 105 20.15 1.36 -16.11
C LEU B 105 20.45 2.86 -15.89
N ASP B 106 21.30 3.44 -16.72
CA ASP B 106 21.62 4.86 -16.65
C ASP B 106 20.31 5.66 -16.88
N GLY B 107 19.92 6.45 -15.89
CA GLY B 107 18.71 7.26 -15.95
C GLY B 107 17.42 6.50 -15.69
N LEU B 108 17.51 5.21 -15.42
CA LEU B 108 16.31 4.45 -15.15
C LEU B 108 15.58 4.92 -13.91
N GLY B 109 16.31 5.35 -12.89
CA GLY B 109 15.68 5.91 -11.67
C GLY B 109 14.70 7.00 -12.04
N GLU B 110 15.16 7.98 -12.82
CA GLU B 110 14.35 9.12 -13.15
C GLU B 110 13.16 8.68 -14.04
N ARG B 111 13.41 7.77 -15.00
CA ARG B 111 12.30 7.35 -15.88
C ARG B 111 11.20 6.65 -15.07
N VAL B 113 10.59 6.92 -11.70
CA VAL B 113 9.92 7.81 -10.80
C VAL B 113 8.97 8.70 -11.58
N SER B 114 9.37 9.15 -12.78
N SER B 114 9.36 9.14 -12.78
CA SER B 114 8.44 9.94 -13.60
CA SER B 114 8.46 10.01 -13.55
C SER B 114 7.11 9.19 -13.75
C SER B 114 7.14 9.31 -13.93
N PHE B 116 5.74 6.73 -11.92
CA PHE B 116 5.00 6.53 -10.69
C PHE B 116 4.55 7.82 -10.02
N ALA B 117 5.11 8.96 -10.45
CA ALA B 117 4.74 10.26 -9.91
C ALA B 117 3.58 10.86 -10.65
N ARG B 118 3.21 10.28 -11.79
CA ARG B 118 2.04 10.81 -12.51
C ARG B 118 0.80 10.69 -11.63
N PRO B 119 -0.05 11.72 -11.61
CA PRO B 119 -1.23 11.68 -10.70
C PRO B 119 -2.39 10.90 -11.31
N LEU B 120 -2.25 9.58 -11.32
CA LEU B 120 -3.23 8.68 -11.92
C LEU B 120 -4.28 8.29 -10.87
N GLU B 121 -5.17 7.40 -11.28
CA GLU B 121 -6.31 7.00 -10.47
C GLU B 121 -5.85 6.33 -9.17
N PRO B 122 -6.65 6.46 -8.11
CA PRO B 122 -6.31 5.91 -6.81
C PRO B 122 -6.18 4.39 -6.79
N TYR B 123 -6.64 3.70 -7.84
CA TYR B 123 -6.53 2.23 -7.89
C TYR B 123 -5.34 1.72 -8.72
N LYS B 124 -4.45 2.64 -9.14
CA LYS B 124 -3.22 2.28 -9.87
C LYS B 124 -2.01 2.55 -8.95
N PRO B 125 -1.00 1.66 -8.93
CA PRO B 125 -0.81 0.49 -9.79
C PRO B 125 -1.78 -0.64 -9.47
N LEU B 126 -2.16 -1.31 -10.55
CA LEU B 126 -3.06 -2.47 -10.44
C LEU B 126 -2.45 -3.56 -9.60
N SER B 127 -1.13 -3.78 -9.70
CA SER B 127 -0.46 -4.84 -8.96
C SER B 127 -0.86 -4.80 -7.50
N LEU B 128 -0.60 -3.66 -6.84
CA LEU B 128 -0.82 -3.58 -5.40
C LEU B 128 -2.30 -3.48 -5.10
N ASN B 129 -3.06 -2.75 -5.94
CA ASN B 129 -4.47 -2.58 -5.64
C ASN B 129 -5.31 -3.88 -5.77
N ILE B 130 -5.05 -4.64 -6.83
CA ILE B 130 -5.64 -5.97 -6.91
C ILE B 130 -5.26 -6.85 -5.73
N LEU B 131 -4.00 -6.77 -5.31
CA LEU B 131 -3.56 -7.51 -4.10
C LEU B 131 -4.40 -7.11 -2.88
N PHE B 132 -4.59 -5.80 -2.69
CA PHE B 132 -5.37 -5.29 -1.53
C PHE B 132 -6.81 -5.84 -1.53
N SER B 134 -7.86 -8.82 -2.55
N SER B 134 -7.89 -8.83 -2.50
CA SER B 134 -7.86 -10.26 -2.47
CA SER B 134 -7.93 -10.30 -2.50
C SER B 134 -8.67 -10.70 -1.26
C SER B 134 -8.50 -10.93 -1.25
N GLY B 135 -8.14 -10.39 -0.08
CA GLY B 135 -8.78 -10.82 1.19
C GLY B 135 -8.74 -12.33 1.36
N PRO B 136 -9.90 -12.98 1.66
CA PRO B 136 -9.86 -14.42 1.89
C PRO B 136 -9.87 -15.24 0.59
N SER B 137 -9.72 -14.57 -0.56
CA SER B 137 -9.51 -15.28 -1.82
C SER B 137 -8.01 -15.61 -1.88
N GLU B 138 -7.66 -16.77 -1.32
CA GLU B 138 -6.25 -17.07 -1.09
C GLU B 138 -5.51 -17.47 -2.37
N GLU B 139 -6.17 -18.21 -3.26
N GLU B 139 -6.18 -18.20 -3.24
CA GLU B 139 -5.55 -18.63 -4.50
CA GLU B 139 -5.60 -18.63 -4.52
C GLU B 139 -5.22 -17.45 -5.44
C GLU B 139 -5.22 -17.44 -5.41
N SER B 140 -6.17 -16.51 -5.58
CA SER B 140 -5.95 -15.33 -6.42
C SER B 140 -4.78 -14.49 -5.89
N SER B 141 -4.73 -14.28 -4.58
CA SER B 141 -3.58 -13.60 -3.93
C SER B 141 -2.26 -14.35 -4.18
N ARG B 142 -2.29 -15.67 -3.99
CA ARG B 142 -1.06 -16.45 -4.18
C ARG B 142 -0.49 -16.33 -5.60
N LYS B 143 -1.37 -16.35 -6.60
CA LYS B 143 -0.92 -16.28 -8.00
C LYS B 143 -0.34 -14.89 -8.29
N LEU B 144 -1.03 -13.87 -7.80
CA LEU B 144 -0.58 -12.50 -8.03
C LEU B 144 0.82 -12.33 -7.43
N ARG B 145 0.99 -12.78 -6.17
N ARG B 145 0.98 -12.78 -6.17
CA ARG B 145 2.27 -12.53 -5.50
CA ARG B 145 2.25 -12.56 -5.46
C ARG B 145 3.42 -13.29 -6.16
C ARG B 145 3.40 -13.29 -6.14
N ALA B 146 3.15 -14.53 -6.57
CA ALA B 146 4.17 -15.30 -7.21
C ALA B 146 4.59 -14.65 -8.54
N ASN B 147 3.61 -14.25 -9.34
CA ASN B 147 3.95 -13.54 -10.58
C ASN B 147 4.66 -12.22 -10.36
N TYR B 148 4.25 -11.44 -9.37
CA TYR B 148 4.92 -10.15 -9.14
C TYR B 148 6.38 -10.41 -8.79
N SER B 149 6.63 -11.37 -7.89
CA SER B 149 8.01 -11.65 -7.51
C SER B 149 8.87 -12.09 -8.70
N ALA B 150 8.34 -12.97 -9.57
CA ALA B 150 9.15 -13.51 -10.66
C ALA B 150 9.25 -12.53 -11.82
N GLN B 151 8.11 -11.92 -12.14
CA GLN B 151 8.00 -11.16 -13.40
C GLN B 151 8.32 -9.68 -13.22
N ILE B 153 9.79 -8.15 -9.79
CA ILE B 153 10.98 -7.96 -8.96
C ILE B 153 12.21 -8.62 -9.58
N ASP B 154 12.12 -9.91 -9.92
N ASP B 154 12.09 -9.90 -9.94
CA ASP B 154 13.30 -10.56 -10.50
CA ASP B 154 13.23 -10.62 -10.49
C ASP B 154 13.71 -9.98 -11.84
C ASP B 154 13.67 -10.10 -11.86
N ALA B 155 12.74 -9.51 -12.62
CA ALA B 155 13.07 -8.87 -13.89
C ALA B 155 13.99 -7.69 -13.68
N LEU B 156 13.76 -6.93 -12.61
CA LEU B 156 14.68 -5.83 -12.28
C LEU B 156 15.98 -6.37 -11.66
N ALA B 157 15.85 -7.32 -10.74
CA ALA B 157 17.02 -7.81 -9.99
C ALA B 157 18.09 -8.38 -10.95
N GLU B 158 17.63 -9.06 -11.99
CA GLU B 158 18.53 -9.63 -13.04
C GLU B 158 19.46 -8.61 -13.69
N ARG B 159 19.03 -7.36 -13.70
N ARG B 159 18.99 -7.37 -13.73
CA ARG B 159 19.78 -6.32 -14.42
CA ARG B 159 19.71 -6.27 -14.40
C ARG B 159 20.75 -5.54 -13.54
C ARG B 159 20.89 -5.79 -13.55
N LEU B 160 20.68 -5.74 -12.23
CA LEU B 160 21.48 -4.89 -11.33
C LEU B 160 22.90 -5.38 -11.09
N PRO B 161 23.86 -4.45 -11.18
CA PRO B 161 25.25 -4.82 -10.91
C PRO B 161 25.47 -4.86 -9.40
N GLY B 162 26.50 -5.58 -8.96
CA GLY B 162 26.85 -5.54 -7.54
C GLY B 162 26.08 -6.48 -6.62
N ARG B 163 26.40 -6.37 -5.34
N ARG B 163 26.42 -6.39 -5.34
CA ARG B 163 25.87 -7.28 -4.32
CA ARG B 163 25.87 -7.27 -4.30
C ARG B 163 24.44 -6.92 -3.92
C ARG B 163 24.43 -6.93 -3.97
N ASP B 164 23.70 -7.92 -3.47
CA ASP B 164 22.34 -7.74 -2.93
C ASP B 164 21.34 -7.23 -3.96
N ALA B 165 21.47 -7.72 -5.19
CA ALA B 165 20.60 -7.27 -6.29
C ALA B 165 19.14 -7.53 -6.04
N ARG B 166 18.79 -8.71 -5.55
CA ARG B 166 17.39 -8.99 -5.24
C ARG B 166 16.79 -8.03 -4.17
N LEU B 167 17.52 -7.84 -3.06
CA LEU B 167 17.07 -6.95 -1.99
C LEU B 167 16.90 -5.56 -2.60
N ARG B 168 17.90 -5.10 -3.34
CA ARG B 168 17.81 -3.75 -3.91
C ARG B 168 16.61 -3.59 -4.85
N ALA B 169 16.29 -4.63 -5.63
CA ALA B 169 15.11 -4.58 -6.53
C ALA B 169 13.82 -4.52 -5.72
N GLU B 170 13.74 -5.28 -4.62
CA GLU B 170 12.57 -5.16 -3.72
C GLU B 170 12.46 -3.74 -3.12
N LEU B 171 13.58 -3.14 -2.76
CA LEU B 171 13.56 -1.78 -2.20
C LEU B 171 13.15 -0.75 -3.26
N VAL B 172 13.61 -0.91 -4.51
CA VAL B 172 13.18 -0.02 -5.60
C VAL B 172 11.69 -0.12 -5.76
N SER B 174 9.50 -1.14 -3.58
CA SER B 174 8.91 -0.50 -2.39
C SER B 174 8.79 1.01 -2.56
N LEU B 176 8.75 2.88 -5.36
CA LEU B 176 7.94 3.31 -6.47
C LEU B 176 6.47 3.10 -6.17
N THR B 177 6.16 1.86 -5.70
CA THR B 177 4.75 1.59 -5.38
C THR B 177 4.30 2.39 -4.18
N GLY B 178 5.20 2.58 -3.19
CA GLY B 178 4.83 3.36 -2.03
C GLY B 178 4.49 4.81 -2.42
N LEU B 179 5.27 5.38 -3.34
CA LEU B 179 5.02 6.73 -3.83
C LEU B 179 3.66 6.84 -4.49
N ALA B 180 3.36 5.90 -5.41
CA ALA B 180 2.10 6.00 -6.13
C ALA B 180 0.91 5.85 -5.20
N VAL B 181 1.00 4.87 -4.27
CA VAL B 181 -0.13 4.66 -3.33
C VAL B 181 -0.29 5.88 -2.43
N ARG B 183 0.60 9.04 -3.00
CA ARG B 183 0.14 10.23 -3.68
C ARG B 183 -1.25 10.08 -4.22
N ARG B 184 -1.53 8.93 -4.81
CA ARG B 184 -2.81 8.78 -5.50
C ARG B 184 -3.96 8.39 -4.61
N LYS B 185 -3.65 7.65 -3.54
CA LYS B 185 -4.71 7.09 -2.72
C LYS B 185 -4.80 7.83 -1.38
N GLN B 188 -4.14 12.23 -2.51
CA GLN B 188 -5.07 12.76 -3.53
C GLN B 188 -4.80 14.28 -3.75
N GLU B 189 -5.81 15.13 -3.58
N GLU B 189 -5.81 15.13 -3.52
CA GLU B 189 -5.59 16.57 -3.72
CA GLU B 189 -5.67 16.58 -3.66
C GLU B 189 -4.64 17.15 -2.66
C GLU B 189 -4.93 17.28 -2.50
N HIS B 190 -4.56 16.51 -1.48
CA HIS B 190 -3.63 16.95 -0.41
C HIS B 190 -2.15 16.81 -0.90
N ALA B 191 -1.87 16.15 -2.03
CA ALA B 191 -0.46 15.86 -2.43
C ALA B 191 0.27 17.15 -2.82
N THR B 192 1.46 17.34 -2.25
CA THR B 192 2.24 18.56 -2.43
C THR B 192 3.33 18.34 -3.47
N GLY B 193 3.50 19.33 -4.34
CA GLY B 193 4.61 19.26 -5.29
C GLY B 193 4.22 18.71 -6.65
N THR B 194 4.95 19.11 -7.68
CA THR B 194 4.70 18.64 -9.03
C THR B 194 5.50 17.35 -9.29
N PRO B 195 5.16 16.61 -10.36
CA PRO B 195 5.95 15.42 -10.68
C PRO B 195 7.44 15.65 -10.87
N GLU B 196 7.86 16.79 -11.47
CA GLU B 196 9.28 17.02 -11.61
C GLU B 196 9.95 17.29 -10.27
N GLU B 197 9.21 17.94 -9.36
CA GLU B 197 9.74 18.11 -8.00
C GLU B 197 9.89 16.76 -7.31
N VAL B 198 8.93 15.84 -7.48
CA VAL B 198 9.07 14.48 -6.96
C VAL B 198 10.31 13.82 -7.56
N VAL B 199 10.48 13.91 -8.88
CA VAL B 199 11.64 13.34 -9.53
C VAL B 199 12.95 13.91 -8.95
N ALA B 200 13.02 15.22 -8.76
CA ALA B 200 14.26 15.84 -8.29
C ALA B 200 14.72 15.31 -6.94
N HIS B 201 13.76 15.07 -6.05
CA HIS B 201 14.08 14.56 -4.72
C HIS B 201 14.23 13.06 -4.67
N TYR B 202 13.42 12.33 -5.43
CA TYR B 202 13.29 10.88 -5.22
C TYR B 202 14.10 10.05 -6.20
N ALA B 203 14.23 10.51 -7.45
CA ALA B 203 14.94 9.71 -8.44
C ALA B 203 16.40 9.42 -8.09
N PRO B 204 17.15 10.41 -7.55
CA PRO B 204 18.52 10.06 -7.20
C PRO B 204 18.62 8.96 -6.17
N LEU B 205 17.62 8.85 -5.29
CA LEU B 205 17.63 7.78 -4.30
C LEU B 205 17.39 6.42 -4.94
N VAL B 206 16.36 6.37 -5.82
CA VAL B 206 16.12 5.15 -6.58
C VAL B 206 17.38 4.77 -7.37
N GLN B 207 18.02 5.76 -8.01
CA GLN B 207 19.23 5.48 -8.80
C GLN B 207 20.38 4.92 -7.93
N GLU B 208 20.47 5.35 -6.67
N GLU B 208 20.46 5.37 -6.68
CA GLU B 208 21.51 4.78 -5.79
CA GLU B 208 21.46 4.81 -5.75
C GLU B 208 21.30 3.29 -5.59
C GLU B 208 21.29 3.30 -5.65
N LEU B 209 20.05 2.85 -5.46
CA LEU B 209 19.78 1.44 -5.31
C LEU B 209 20.09 0.68 -6.61
N LEU B 210 19.78 1.29 -7.76
CA LEU B 210 20.05 0.64 -9.03
C LEU B 210 21.56 0.46 -9.23
N ASP B 211 22.33 1.49 -8.87
CA ASP B 211 23.77 1.52 -9.20
C ASP B 211 24.59 0.59 -8.31
N GLY B 212 24.12 0.33 -7.10
CA GLY B 212 24.85 -0.59 -6.22
C GLY B 212 25.95 0.06 -5.42
N GLY B 213 26.30 -0.59 -4.29
CA GLY B 213 27.20 -0.02 -3.31
C GLY B 213 26.39 0.45 -2.10
#